data_3VPK
#
_entry.id   3VPK
#
_cell.length_a   63.779
_cell.length_b   61.050
_cell.length_c   69.664
_cell.angle_alpha   90.00
_cell.angle_beta   90.00
_cell.angle_gamma   90.00
#
_symmetry.space_group_name_H-M   'P 21 21 21'
#
loop_
_entity.id
_entity.type
_entity.pdbx_description
1 polymer 'Cationic trypsin'
2 non-polymer '6-carbamimidamidohexanoic acid'
3 non-polymer 'CALCIUM ION'
4 non-polymer 'ethyl 4-hydroxybenzoate'
5 water water
#
_entity_poly.entity_id   1
_entity_poly.type   'polypeptide(L)'
_entity_poly.pdbx_seq_one_letter_code
;IVGGYTCGANTVPYQVSLNSGYHFCGGSLINSQWVVSAAHCYKSGIQVRLGEDNINVVEGNEQFISASKSIVHPSYNSNT
LNNDIMLIKLKSAASLNSRVASISLPTSCASAGTQCLISGWGNTKSSGTSYPDVLKCLKAPILSDSSCKSAYPGQITSNM
FCAGYLEGGKDSCQGDSGGPVVCSGKLQGIVSWGSGCAQKNKPGVYTKVCNYVSWIKQTIASN
;
_entity_poly.pdbx_strand_id   A
#
loop_
_chem_comp.id
_chem_comp.type
_chem_comp.name
_chem_comp.formula
CA non-polymer 'CALCIUM ION' 'Ca 2'
E4B non-polymer 'ethyl 4-hydroxybenzoate' 'C9 H10 O3'
GHS non-polymer '6-carbamimidamidohexanoic acid' 'C7 H15 N3 O2'
#
# COMPACT_ATOMS: atom_id res chain seq x y z
N ILE A 1 7.14 -8.37 -1.86
CA ILE A 1 8.31 -7.48 -2.06
C ILE A 1 9.47 -8.36 -2.56
N VAL A 2 10.05 -7.99 -3.69
CA VAL A 2 11.23 -8.69 -4.25
C VAL A 2 12.49 -7.88 -3.95
N GLY A 3 13.51 -8.55 -3.43
CA GLY A 3 14.80 -7.91 -3.17
C GLY A 3 14.79 -6.97 -1.99
N GLY A 4 13.84 -7.15 -1.08
CA GLY A 4 13.77 -6.33 0.12
C GLY A 4 14.42 -7.06 1.30
N TYR A 5 14.01 -6.70 2.50
CA TYR A 5 14.56 -7.27 3.73
C TYR A 5 13.46 -7.41 4.78
N THR A 6 13.66 -8.27 5.76
CA THR A 6 12.73 -8.42 6.87
C THR A 6 12.67 -7.12 7.67
N CYS A 7 11.48 -6.51 7.75
CA CYS A 7 11.31 -5.24 8.47
C CYS A 7 11.71 -5.34 9.94
N GLY A 8 11.32 -6.44 10.58
CA GLY A 8 11.42 -6.59 12.05
C GLY A 8 10.02 -6.41 12.61
N ALA A 9 9.65 -7.22 13.62
CA ALA A 9 8.29 -7.17 14.19
C ALA A 9 7.83 -5.76 14.58
N ASN A 10 6.71 -5.33 14.01
CA ASN A 10 6.04 -4.07 14.38
C ASN A 10 6.83 -2.78 14.16
N THR A 11 7.88 -2.83 13.31
CA THR A 11 8.60 -1.62 12.90
C THR A 11 7.85 -0.76 11.87
N VAL A 12 6.81 -1.33 11.25
CA VAL A 12 5.90 -0.57 10.36
C VAL A 12 4.48 -0.59 10.98
N PRO A 13 4.27 0.20 12.05
CA PRO A 13 3.08 -0.05 12.85
C PRO A 13 1.74 0.40 12.20
N TYR A 14 1.81 1.17 11.11
CA TYR A 14 0.62 1.53 10.31
C TYR A 14 0.30 0.49 9.25
N GLN A 15 1.14 -0.50 9.07
CA GLN A 15 0.89 -1.52 8.01
C GLN A 15 -0.22 -2.46 8.45
N VAL A 16 -1.25 -2.64 7.62
CA VAL A 16 -2.26 -3.69 7.88
C VAL A 16 -2.34 -4.75 6.79
N SER A 17 -2.85 -5.91 7.18
CA SER A 17 -3.20 -7.00 6.26
C SER A 17 -4.71 -7.09 6.13
N LEU A 18 -5.19 -7.10 4.88
CA LEU A 18 -6.60 -7.33 4.60
C LEU A 18 -6.81 -8.82 4.34
N ASN A 19 -7.73 -9.42 5.09
CA ASN A 19 -7.84 -10.89 5.16
C ASN A 19 -9.29 -11.29 4.88
N SER A 20 -9.46 -12.24 3.96
CA SER A 20 -10.79 -12.82 3.72
C SER A 20 -10.68 -14.36 3.87
N GLY A 21 -10.08 -14.81 4.96
CA GLY A 21 -9.75 -16.22 5.14
C GLY A 21 -8.33 -16.50 4.68
N TYR A 22 -7.66 -15.46 4.21
CA TYR A 22 -6.27 -15.47 3.76
C TYR A 22 -5.87 -14.02 3.50
N HIS A 23 -4.57 -13.74 3.50
CA HIS A 23 -4.06 -12.41 3.18
C HIS A 23 -4.19 -12.15 1.70
N PHE A 24 -4.81 -11.03 1.33
CA PHE A 24 -5.01 -10.73 -0.09
C PHE A 24 -4.47 -9.36 -0.53
N CYS A 25 -4.34 -8.43 0.42
CA CYS A 25 -3.90 -7.09 0.07
C CYS A 25 -3.36 -6.44 1.35
N GLY A 26 -2.59 -5.37 1.18
CA GLY A 26 -2.10 -4.56 2.29
C GLY A 26 -2.98 -3.32 2.43
N GLY A 27 -2.67 -2.50 3.43
CA GLY A 27 -3.37 -1.22 3.60
C GLY A 27 -2.61 -0.41 4.64
N SER A 28 -3.05 0.82 4.88
CA SER A 28 -2.39 1.73 5.84
C SER A 28 -3.41 2.30 6.81
N LEU A 29 -3.08 2.26 8.10
CA LEU A 29 -3.97 2.82 9.11
C LEU A 29 -3.75 4.32 9.16
N ILE A 30 -4.82 5.10 8.94
CA ILE A 30 -4.68 6.58 8.92
C ILE A 30 -5.31 7.28 10.12
N ASN A 31 -6.21 6.59 10.82
CA ASN A 31 -6.64 6.96 12.17
C ASN A 31 -7.23 5.72 12.82
N SER A 32 -7.68 5.82 14.07
CA SER A 32 -8.08 4.63 14.82
C SER A 32 -9.24 3.88 14.15
N GLN A 33 -9.97 4.54 13.25
CA GLN A 33 -11.09 3.85 12.64
C GLN A 33 -11.10 3.71 11.12
N TRP A 34 -10.02 4.12 10.46
CA TRP A 34 -10.01 4.19 8.99
C TRP A 34 -8.71 3.74 8.41
N VAL A 35 -8.82 2.95 7.34
CA VAL A 35 -7.67 2.39 6.63
C VAL A 35 -7.69 2.82 5.17
N VAL A 36 -6.53 3.11 4.59
CA VAL A 36 -6.44 3.42 3.16
C VAL A 36 -5.85 2.22 2.40
N SER A 37 -6.47 1.82 1.31
CA SER A 37 -5.97 0.72 0.48
C SER A 37 -6.22 1.02 -1.02
N ALA A 38 -6.05 0.02 -1.89
CA ALA A 38 -6.31 0.20 -3.34
C ALA A 38 -7.75 -0.22 -3.68
N ALA A 39 -8.40 0.54 -4.56
CA ALA A 39 -9.76 0.22 -5.00
C ALA A 39 -9.84 -1.16 -5.64
N HIS A 40 -8.77 -1.58 -6.32
CA HIS A 40 -8.78 -2.87 -6.98
C HIS A 40 -8.75 -4.00 -5.98
N CYS A 41 -8.47 -3.68 -4.70
CA CYS A 41 -8.54 -4.69 -3.62
C CYS A 41 -9.93 -4.91 -3.05
N TYR A 42 -10.91 -4.15 -3.53
CA TYR A 42 -12.27 -4.25 -2.98
C TYR A 42 -12.87 -5.66 -3.06
N LYS A 43 -13.50 -6.10 -1.98
CA LYS A 43 -14.43 -7.23 -1.98
C LYS A 43 -15.24 -7.13 -0.69
N SER A 44 -16.29 -7.92 -0.55
CA SER A 44 -17.00 -7.96 0.74
C SER A 44 -16.30 -8.90 1.71
N GLY A 45 -16.69 -8.87 2.97
CA GLY A 45 -16.15 -9.79 3.99
C GLY A 45 -14.69 -9.51 4.33
N ILE A 46 -14.28 -8.25 4.31
CA ILE A 46 -12.90 -7.89 4.67
C ILE A 46 -12.73 -7.86 6.19
N GLN A 47 -11.72 -8.57 6.68
CA GLN A 47 -11.27 -8.42 8.07
C GLN A 47 -9.92 -7.71 8.08
N VAL A 48 -9.82 -6.62 8.85
CA VAL A 48 -8.57 -5.87 8.94
C VAL A 48 -7.73 -6.41 10.08
N ARG A 49 -6.47 -6.73 9.76
CA ARG A 49 -5.57 -7.28 10.76
C ARG A 49 -4.43 -6.33 11.02
N LEU A 50 -4.42 -5.81 12.24
CA LEU A 50 -3.46 -4.79 12.66
C LEU A 50 -2.43 -5.38 13.62
N GLY A 51 -1.25 -4.76 13.70
CA GLY A 51 -0.21 -5.21 14.62
C GLY A 51 0.42 -6.54 14.21
N GLU A 52 0.28 -6.90 12.94
CA GLU A 52 0.80 -8.18 12.42
C GLU A 52 2.28 -8.10 12.10
N ASP A 53 2.98 -9.21 12.37
CA ASP A 53 4.29 -9.47 11.74
C ASP A 53 4.23 -10.80 10.98
N ASN A 54 4.24 -11.92 11.70
CA ASN A 54 3.97 -13.21 11.07
C ASN A 54 2.48 -13.41 10.88
N ILE A 55 2.02 -13.39 9.62
CA ILE A 55 0.56 -13.41 9.37
C ILE A 55 -0.04 -14.80 9.49
N ASN A 56 0.82 -15.79 9.70
CA ASN A 56 0.41 -17.19 9.84
C ASN A 56 0.42 -17.69 11.29
N VAL A 57 0.92 -16.88 12.21
CA VAL A 57 1.03 -17.29 13.62
C VAL A 57 0.48 -16.19 14.53
N VAL A 58 -0.33 -16.56 15.52
CA VAL A 58 -0.74 -15.60 16.57
C VAL A 58 0.43 -15.40 17.55
N GLU A 59 1.01 -14.19 17.55
CA GLU A 59 2.22 -13.90 18.32
C GLU A 59 2.00 -12.96 19.50
N GLY A 60 0.87 -12.27 19.49
CA GLY A 60 0.62 -11.20 20.45
C GLY A 60 0.60 -9.88 19.69
N ASN A 61 -0.09 -8.88 20.23
CA ASN A 61 -0.18 -7.53 19.62
C ASN A 61 -1.11 -7.41 18.40
N GLU A 62 -1.72 -8.51 17.95
CA GLU A 62 -2.65 -8.45 16.83
C GLU A 62 -4.00 -7.90 17.28
N GLN A 63 -4.64 -7.17 16.39
CA GLN A 63 -6.06 -6.84 16.56
C GLN A 63 -6.73 -7.17 15.24
N PHE A 64 -7.76 -8.00 15.28
CA PHE A 64 -8.55 -8.32 14.10
C PHE A 64 -9.86 -7.57 14.20
N ILE A 65 -10.17 -6.76 13.20
CA ILE A 65 -11.39 -5.95 13.23
C ILE A 65 -12.06 -6.04 11.87
N SER A 66 -13.36 -6.33 11.87
CA SER A 66 -14.15 -6.38 10.62
C SER A 66 -14.33 -4.98 10.05
N ALA A 67 -14.30 -4.88 8.72
CA ALA A 67 -14.64 -3.65 8.03
C ALA A 67 -16.16 -3.47 8.17
N SER A 68 -16.60 -2.26 8.51
CA SER A 68 -18.03 -1.93 8.41
C SER A 68 -18.43 -1.25 7.09
N LYS A 69 -17.47 -0.62 6.40
CA LYS A 69 -17.74 0.08 5.13
C LYS A 69 -16.47 -0.02 4.30
N SER A 70 -16.59 -0.29 3.00
CA SER A 70 -15.43 -0.15 2.10
C SER A 70 -15.86 0.78 0.98
N ILE A 71 -15.17 1.92 0.85
CA ILE A 71 -15.54 2.99 -0.06
C ILE A 71 -14.48 3.14 -1.16
N VAL A 72 -14.82 2.61 -2.34
CA VAL A 72 -14.00 2.77 -3.54
C VAL A 72 -14.21 4.18 -4.10
N HIS A 73 -13.14 4.81 -4.54
CA HIS A 73 -13.27 6.09 -5.23
C HIS A 73 -14.30 6.01 -6.35
N PRO A 74 -15.26 6.96 -6.38
CA PRO A 74 -16.35 6.89 -7.37
C PRO A 74 -15.82 6.94 -8.82
N SER A 75 -14.64 7.50 -9.03
CA SER A 75 -14.05 7.54 -10.36
C SER A 75 -12.97 6.50 -10.61
N TYR A 76 -12.88 5.49 -9.76
CA TYR A 76 -11.97 4.36 -10.01
C TYR A 76 -12.32 3.66 -11.33
N ASN A 77 -11.33 3.49 -12.19
CA ASN A 77 -11.56 2.79 -13.45
C ASN A 77 -10.76 1.51 -13.45
N SER A 78 -11.48 0.39 -13.56
CA SER A 78 -10.86 -0.92 -13.35
C SER A 78 -9.93 -1.35 -14.50
N ASN A 79 -10.03 -0.70 -15.64
CA ASN A 79 -9.13 -0.99 -16.78
C ASN A 79 -7.84 -0.18 -16.78
N THR A 80 -7.93 1.12 -16.50
CA THR A 80 -6.74 1.97 -16.44
C THR A 80 -6.09 1.96 -15.05
N LEU A 81 -6.89 1.65 -14.04
CA LEU A 81 -6.51 1.79 -12.63
C LEU A 81 -6.31 3.24 -12.19
N ASN A 82 -6.91 4.17 -12.93
CA ASN A 82 -6.91 5.56 -12.49
C ASN A 82 -7.78 5.66 -11.25
N ASN A 83 -7.33 6.42 -10.25
CA ASN A 83 -8.07 6.61 -8.99
C ASN A 83 -8.15 5.30 -8.18
N ASP A 84 -7.03 4.59 -8.12
CA ASP A 84 -6.96 3.29 -7.45
C ASP A 84 -6.78 3.47 -5.93
N ILE A 85 -7.86 3.85 -5.26
CA ILE A 85 -7.83 4.20 -3.84
C ILE A 85 -9.18 3.84 -3.22
N MET A 86 -9.15 3.34 -2.00
CA MET A 86 -10.33 2.87 -1.30
C MET A 86 -10.16 3.19 0.16
N LEU A 87 -11.24 3.58 0.83
CA LEU A 87 -11.20 3.77 2.28
C LEU A 87 -12.01 2.70 2.96
N ILE A 88 -11.46 2.12 4.02
CA ILE A 88 -12.17 1.10 4.78
C ILE A 88 -12.42 1.64 6.19
N LYS A 89 -13.69 1.61 6.62
CA LYS A 89 -14.04 1.97 8.01
C LYS A 89 -14.08 0.71 8.84
N LEU A 90 -13.49 0.77 10.01
CA LEU A 90 -13.44 -0.38 10.91
C LEU A 90 -14.74 -0.41 11.71
N LYS A 91 -15.24 -1.61 11.99
CA LYS A 91 -16.46 -1.78 12.81
C LYS A 91 -16.33 -1.14 14.20
N SER A 92 -15.15 -1.22 14.79
CA SER A 92 -14.83 -0.49 16.01
C SER A 92 -13.45 0.11 15.89
N ALA A 93 -13.12 1.08 16.74
CA ALA A 93 -11.84 1.74 16.69
C ALA A 93 -10.73 0.80 17.12
N ALA A 94 -9.60 0.83 16.41
CA ALA A 94 -8.42 0.09 16.88
C ALA A 94 -7.92 0.77 18.15
N SER A 95 -7.31 0.01 19.04
CA SER A 95 -6.65 0.68 20.16
C SER A 95 -5.23 0.96 19.71
N LEU A 96 -4.84 2.23 19.75
CA LEU A 96 -3.50 2.65 19.27
C LEU A 96 -2.44 2.45 20.33
N ASN A 97 -1.28 1.95 19.93
CA ASN A 97 -0.16 1.72 20.85
C ASN A 97 1.11 1.77 20.01
N SER A 98 2.26 1.44 20.59
CA SER A 98 3.51 1.53 19.83
C SER A 98 3.51 0.60 18.61
N ARG A 99 2.70 -0.45 18.65
CA ARG A 99 2.72 -1.46 17.59
C ARG A 99 1.57 -1.32 16.59
N VAL A 100 0.63 -0.45 16.90
CA VAL A 100 -0.54 -0.18 16.06
C VAL A 100 -0.71 1.33 16.06
N ALA A 101 -0.30 1.97 14.98
CA ALA A 101 -0.24 3.42 14.93
C ALA A 101 -0.64 3.92 13.56
N SER A 102 -1.19 5.14 13.51
CA SER A 102 -1.61 5.70 12.26
C SER A 102 -0.44 6.40 11.55
N ILE A 103 -0.55 6.57 10.24
CA ILE A 103 0.47 7.28 9.47
C ILE A 103 -0.20 8.53 8.95
N SER A 104 0.51 9.64 9.03
CA SER A 104 0.01 10.93 8.56
C SER A 104 -0.13 10.99 7.03
N LEU A 105 -1.18 11.68 6.58
CA LEU A 105 -1.34 12.00 5.17
C LEU A 105 -0.37 13.12 4.77
N PRO A 106 -0.03 13.24 3.47
CA PRO A 106 0.89 14.30 3.08
C PRO A 106 0.21 15.69 3.03
N THR A 107 1.00 16.73 3.24
CA THR A 107 0.56 18.11 3.04
C THR A 107 0.92 18.61 1.64
N SER A 108 1.98 18.04 1.08
CA SER A 108 2.36 18.34 -0.29
C SER A 108 2.83 17.07 -0.97
N CYS A 109 2.93 17.10 -2.29
CA CYS A 109 3.41 15.95 -3.04
C CYS A 109 4.92 15.84 -2.89
N ALA A 110 5.45 14.64 -3.11
CA ALA A 110 6.89 14.41 -2.98
C ALA A 110 7.53 14.56 -4.35
N SER A 111 8.81 14.87 -4.38
CA SER A 111 9.47 15.11 -5.66
C SER A 111 10.24 13.87 -6.11
N ALA A 112 10.55 13.82 -7.41
CA ALA A 112 11.40 12.78 -7.95
C ALA A 112 12.66 12.67 -7.10
N GLY A 113 13.11 11.44 -6.86
CA GLY A 113 14.29 11.19 -6.07
C GLY A 113 14.10 11.07 -4.57
N THR A 114 12.90 11.37 -4.08
CA THR A 114 12.60 11.19 -2.66
C THR A 114 12.64 9.70 -2.31
N GLN A 115 13.38 9.34 -1.26
CA GLN A 115 13.46 7.95 -0.83
C GLN A 115 12.21 7.59 0.01
N CYS A 116 11.64 6.42 -0.26
CA CYS A 116 10.43 5.98 0.45
C CYS A 116 10.57 4.56 0.96
N LEU A 117 9.71 4.18 1.90
CA LEU A 117 9.65 2.80 2.39
C LEU A 117 8.37 2.14 1.89
N ILE A 118 8.53 1.02 1.19
CA ILE A 118 7.40 0.21 0.69
C ILE A 118 7.44 -1.12 1.44
N SER A 119 6.29 -1.55 1.94
CA SER A 119 6.25 -2.76 2.75
C SER A 119 5.06 -3.65 2.41
N GLY A 120 5.16 -4.94 2.73
CA GLY A 120 4.07 -5.86 2.42
C GLY A 120 4.42 -7.34 2.60
N TRP A 121 3.39 -8.19 2.51
CA TRP A 121 3.54 -9.66 2.58
C TRP A 121 3.43 -10.32 1.22
N GLY A 122 3.63 -9.56 0.16
CA GLY A 122 3.55 -10.09 -1.20
C GLY A 122 4.67 -11.03 -1.63
N ASN A 123 4.53 -11.57 -2.84
CA ASN A 123 5.52 -12.47 -3.44
C ASN A 123 6.93 -11.88 -3.38
N THR A 124 7.89 -12.72 -2.99
CA THR A 124 9.29 -12.30 -2.87
C THR A 124 10.15 -12.78 -4.05
N LYS A 125 9.50 -13.33 -5.07
CA LYS A 125 10.21 -13.82 -6.26
C LYS A 125 9.77 -13.12 -7.54
N SER A 126 10.77 -12.75 -8.34
CA SER A 126 10.57 -12.20 -9.67
C SER A 126 10.19 -13.33 -10.63
N SER A 127 10.73 -14.53 -10.35
CA SER A 127 10.48 -15.73 -11.12
C SER A 127 9.81 -16.78 -10.21
N GLY A 128 8.58 -17.14 -10.53
CA GLY A 128 7.82 -18.06 -9.71
C GLY A 128 7.13 -17.38 -8.53
N THR A 129 6.84 -18.15 -7.49
CA THR A 129 5.98 -17.69 -6.39
C THR A 129 6.48 -18.16 -5.00
N SER A 130 6.75 -17.20 -4.12
CA SER A 130 7.09 -17.50 -2.73
C SER A 130 6.55 -16.41 -1.78
N TYR A 131 5.69 -16.81 -0.84
CA TYR A 131 5.08 -15.84 0.07
C TYR A 131 5.68 -15.91 1.46
N PRO A 132 6.10 -14.75 2.01
CA PRO A 132 6.76 -14.74 3.30
C PRO A 132 5.75 -14.81 4.45
N ASP A 133 6.20 -15.33 5.59
CA ASP A 133 5.42 -15.27 6.82
C ASP A 133 5.45 -13.86 7.40
N VAL A 134 6.63 -13.24 7.37
CA VAL A 134 6.85 -11.95 8.06
C VAL A 134 6.90 -10.79 7.09
N LEU A 135 6.76 -9.58 7.62
CA LEU A 135 6.62 -8.39 6.79
C LEU A 135 7.96 -8.06 6.15
N LYS A 136 7.91 -7.74 4.86
CA LYS A 136 9.11 -7.33 4.12
C LYS A 136 9.07 -5.84 3.81
N CYS A 137 10.26 -5.26 3.68
CA CYS A 137 10.43 -3.83 3.49
C CYS A 137 11.37 -3.61 2.29
N LEU A 138 11.24 -2.46 1.65
CA LEU A 138 12.12 -2.08 0.52
C LEU A 138 12.25 -0.56 0.51
N LYS A 139 13.49 -0.07 0.47
CA LYS A 139 13.69 1.36 0.26
C LYS A 139 13.78 1.62 -1.23
N ALA A 140 13.04 2.63 -1.69
CA ALA A 140 12.93 2.91 -3.13
C ALA A 140 12.72 4.39 -3.41
N PRO A 141 13.37 4.93 -4.48
CA PRO A 141 13.12 6.32 -4.84
C PRO A 141 11.93 6.52 -5.78
N ILE A 142 11.31 7.69 -5.69
CA ILE A 142 10.31 8.11 -6.67
C ILE A 142 11.04 8.53 -7.94
N LEU A 143 10.57 8.06 -9.10
CA LEU A 143 11.19 8.40 -10.40
C LEU A 143 10.66 9.70 -10.99
N SER A 144 11.40 10.27 -11.95
CA SER A 144 10.93 11.46 -12.66
C SER A 144 9.68 11.13 -13.48
N ASP A 145 8.89 12.15 -13.79
CA ASP A 145 7.72 11.95 -14.66
C ASP A 145 8.12 11.44 -16.04
N SER A 146 9.25 11.93 -16.59
CA SER A 146 9.68 11.48 -17.91
C SER A 146 10.07 10.00 -17.92
N SER A 147 10.80 9.57 -16.88
CA SER A 147 11.16 8.15 -16.75
C SER A 147 9.93 7.27 -16.63
N CYS A 148 8.96 7.74 -15.85
CA CYS A 148 7.74 6.96 -15.61
C CYS A 148 6.96 6.80 -16.92
N LYS A 149 6.79 7.90 -17.66
CA LYS A 149 6.11 7.87 -18.95
C LYS A 149 6.86 7.06 -20.01
N SER A 150 8.19 7.14 -20.02
CA SER A 150 9.02 6.30 -20.89
C SER A 150 8.81 4.81 -20.61
N ALA A 151 8.63 4.48 -19.34
CA ALA A 151 8.47 3.09 -18.92
C ALA A 151 7.12 2.54 -19.33
N TYR A 152 6.10 3.38 -19.23
CA TYR A 152 4.69 2.98 -19.45
C TYR A 152 3.97 3.97 -20.35
N PRO A 153 4.36 4.02 -21.63
CA PRO A 153 3.77 5.07 -22.47
C PRO A 153 2.24 5.03 -22.54
N GLY A 154 1.64 6.20 -22.35
CA GLY A 154 0.18 6.38 -22.42
C GLY A 154 -0.61 5.75 -21.29
N GLN A 155 0.05 5.31 -20.23
CA GLN A 155 -0.63 4.58 -19.16
C GLN A 155 -0.57 5.30 -17.82
N ILE A 156 0.23 6.36 -17.73
CA ILE A 156 0.45 7.06 -16.47
C ILE A 156 -0.41 8.32 -16.41
N THR A 157 -1.35 8.36 -15.48
CA THR A 157 -2.16 9.55 -15.31
C THR A 157 -1.50 10.44 -14.26
N SER A 158 -2.05 11.64 -14.03
CA SER A 158 -1.55 12.53 -12.98
C SER A 158 -1.81 12.00 -11.56
N ASN A 159 -2.56 10.91 -11.45
CA ASN A 159 -2.85 10.28 -10.16
C ASN A 159 -1.96 9.08 -9.87
N MET A 160 -0.88 8.95 -10.65
CA MET A 160 0.06 7.86 -10.50
C MET A 160 1.49 8.38 -10.44
N PHE A 161 2.36 7.63 -9.77
CA PHE A 161 3.82 7.84 -9.87
C PHE A 161 4.55 6.50 -9.90
N CYS A 162 5.74 6.51 -10.48
CA CYS A 162 6.62 5.37 -10.47
C CYS A 162 7.65 5.52 -9.35
N ALA A 163 8.04 4.40 -8.78
CA ALA A 163 9.11 4.34 -7.80
C ALA A 163 9.79 3.01 -7.95
N GLY A 164 11.09 2.97 -7.66
CA GLY A 164 11.79 1.72 -7.68
C GLY A 164 13.05 1.82 -8.51
N TYR A 165 13.34 0.76 -9.27
CA TYR A 165 14.65 0.54 -9.87
C TYR A 165 14.56 -0.03 -11.27
N LEU A 166 15.13 0.71 -12.22
CA LEU A 166 15.04 0.34 -13.62
C LEU A 166 15.93 -0.83 -13.98
N GLU A 167 16.93 -1.11 -13.14
CA GLU A 167 17.85 -2.23 -13.40
C GLU A 167 17.24 -3.60 -13.11
N GLY A 168 16.13 -3.62 -12.37
CA GLY A 168 15.47 -4.87 -12.02
C GLY A 168 15.95 -5.46 -10.71
N GLY A 169 15.17 -6.36 -10.12
CA GLY A 169 15.57 -7.06 -8.91
C GLY A 169 15.02 -6.53 -7.59
N LYS A 170 14.43 -5.33 -7.60
CA LYS A 170 13.85 -4.72 -6.39
C LYS A 170 12.51 -4.04 -6.70
N ASP A 171 11.41 -4.56 -6.16
CA ASP A 171 10.08 -4.07 -6.49
C ASP A 171 9.04 -4.53 -5.48
N SER A 172 7.87 -3.90 -5.48
CA SER A 172 6.69 -4.50 -4.85
C SER A 172 6.14 -5.58 -5.79
N CYS A 173 5.28 -6.45 -5.28
CA CYS A 173 4.75 -7.56 -6.10
C CYS A 173 3.34 -8.01 -5.67
N GLN A 174 2.78 -9.04 -6.32
CA GLN A 174 1.43 -9.52 -6.01
C GLN A 174 1.27 -9.81 -4.51
N GLY A 175 0.20 -9.32 -3.90
CA GLY A 175 0.02 -9.45 -2.45
C GLY A 175 0.43 -8.19 -1.69
N ASP A 176 1.28 -7.36 -2.31
CA ASP A 176 1.62 -6.06 -1.74
C ASP A 176 0.58 -4.98 -2.05
N SER A 177 -0.26 -5.23 -3.05
CA SER A 177 -1.25 -4.24 -3.51
C SER A 177 -2.00 -3.65 -2.33
N GLY A 178 -2.26 -2.35 -2.41
CA GLY A 178 -3.03 -1.64 -1.39
C GLY A 178 -2.15 -1.12 -0.26
N GLY A 179 -0.93 -1.64 -0.15
CA GLY A 179 0.00 -1.26 0.90
C GLY A 179 0.68 0.12 0.75
N PRO A 180 1.41 0.55 1.78
CA PRO A 180 1.96 1.91 1.90
C PRO A 180 3.30 2.18 1.17
N VAL A 181 3.40 3.40 0.64
CA VAL A 181 4.67 4.00 0.23
C VAL A 181 4.79 5.24 1.11
N VAL A 182 5.72 5.21 2.05
CA VAL A 182 5.86 6.27 3.05
C VAL A 182 7.19 6.99 2.87
N CYS A 183 7.11 8.30 2.76
CA CYS A 183 8.30 9.11 2.49
C CYS A 183 8.31 10.22 3.54
N SER A 184 9.41 10.28 4.30
CA SER A 184 9.56 11.16 5.47
C SER A 184 8.31 11.28 6.37
N GLY A 185 7.78 10.13 6.78
CA GLY A 185 6.64 10.06 7.68
C GLY A 185 5.27 10.37 7.10
N LYS A 186 5.19 10.46 5.79
CA LYS A 186 3.91 10.76 5.13
C LYS A 186 3.58 9.64 4.15
N LEU A 187 2.32 9.24 4.14
CA LEU A 187 1.81 8.28 3.17
C LEU A 187 1.67 8.93 1.79
N GLN A 188 2.64 8.71 0.90
CA GLN A 188 2.61 9.36 -0.42
C GLN A 188 2.06 8.44 -1.51
N GLY A 189 2.13 7.13 -1.29
CA GLY A 189 1.69 6.19 -2.32
C GLY A 189 0.96 4.95 -1.80
N ILE A 190 0.24 4.30 -2.72
CA ILE A 190 -0.41 3.03 -2.50
C ILE A 190 0.02 2.07 -3.60
N VAL A 191 0.47 0.88 -3.22
CA VAL A 191 0.86 -0.14 -4.21
C VAL A 191 -0.31 -0.39 -5.16
N SER A 192 -0.09 -0.15 -6.45
CA SER A 192 -1.20 -0.21 -7.41
C SER A 192 -1.05 -1.23 -8.53
N TRP A 193 -0.08 -1.02 -9.43
CA TRP A 193 0.17 -1.96 -10.53
C TRP A 193 1.59 -1.92 -11.05
N GLY A 194 1.88 -2.80 -12.00
CA GLY A 194 3.16 -2.81 -12.72
C GLY A 194 3.14 -3.97 -13.73
N SER A 195 4.20 -4.10 -14.53
CA SER A 195 4.27 -5.18 -15.51
C SER A 195 5.24 -6.24 -15.01
N GLY A 196 4.71 -7.38 -14.58
CA GLY A 196 5.49 -8.37 -13.86
C GLY A 196 5.96 -7.75 -12.55
N CYS A 197 7.02 -8.33 -11.98
CA CYS A 197 7.63 -7.81 -10.77
C CYS A 197 9.13 -7.80 -10.92
N ALA A 198 9.73 -6.65 -10.59
CA ALA A 198 11.18 -6.49 -10.53
C ALA A 198 11.87 -6.72 -11.89
N GLN A 199 11.12 -6.47 -12.96
CA GLN A 199 11.63 -6.57 -14.34
C GLN A 199 12.40 -5.32 -14.70
N LYS A 200 13.49 -5.50 -15.45
CA LYS A 200 14.26 -4.36 -15.95
C LYS A 200 13.33 -3.41 -16.71
N ASN A 201 13.53 -2.12 -16.46
CA ASN A 201 12.80 -1.02 -17.09
C ASN A 201 11.29 -0.97 -16.80
N LYS A 202 10.83 -1.80 -15.88
CA LYS A 202 9.41 -1.84 -15.55
C LYS A 202 9.21 -1.61 -14.06
N PRO A 203 9.28 -0.35 -13.60
CA PRO A 203 9.18 -0.07 -12.17
C PRO A 203 7.74 -0.22 -11.65
N GLY A 204 7.56 -0.09 -10.33
CA GLY A 204 6.21 -0.15 -9.78
C GLY A 204 5.45 1.14 -9.98
N VAL A 205 4.13 1.03 -10.13
CA VAL A 205 3.27 2.20 -10.27
C VAL A 205 2.37 2.31 -9.04
N TYR A 206 2.23 3.54 -8.53
CA TYR A 206 1.67 3.80 -7.22
C TYR A 206 0.62 4.91 -7.29
N THR A 207 -0.46 4.76 -6.54
CA THR A 207 -1.48 5.81 -6.48
C THR A 207 -0.92 7.05 -5.76
N LYS A 208 -1.06 8.23 -6.37
CA LYS A 208 -0.52 9.46 -5.78
C LYS A 208 -1.45 10.01 -4.72
N VAL A 209 -1.18 9.67 -3.47
CA VAL A 209 -2.07 9.98 -2.35
C VAL A 209 -2.27 11.49 -2.12
N CYS A 210 -1.25 12.29 -2.42
CA CYS A 210 -1.39 13.75 -2.23
C CYS A 210 -2.55 14.37 -3.03
N ASN A 211 -2.95 13.74 -4.14
CA ASN A 211 -4.10 14.21 -4.91
C ASN A 211 -5.45 13.94 -4.27
N TYR A 212 -5.46 13.14 -3.19
CA TYR A 212 -6.70 12.65 -2.58
C TYR A 212 -6.92 13.05 -1.14
N VAL A 213 -6.03 13.89 -0.60
CA VAL A 213 -6.14 14.30 0.82
C VAL A 213 -7.52 14.92 1.14
N SER A 214 -7.96 15.85 0.30
CA SER A 214 -9.27 16.50 0.53
C SER A 214 -10.44 15.52 0.45
N TRP A 215 -10.41 14.64 -0.55
CA TRP A 215 -11.43 13.61 -0.71
C TRP A 215 -11.46 12.68 0.47
N ILE A 216 -10.28 12.26 0.93
CA ILE A 216 -10.19 11.41 2.12
C ILE A 216 -10.83 12.09 3.33
N LYS A 217 -10.44 13.34 3.58
CA LYS A 217 -10.95 14.05 4.74
C LYS A 217 -12.47 14.20 4.67
N GLN A 218 -12.98 14.56 3.49
CA GLN A 218 -14.43 14.78 3.30
C GLN A 218 -15.22 13.48 3.43
N THR A 219 -14.69 12.41 2.85
CA THR A 219 -15.36 11.13 2.93
C THR A 219 -15.40 10.63 4.37
N ILE A 220 -14.30 10.75 5.10
CA ILE A 220 -14.29 10.36 6.51
C ILE A 220 -15.27 11.20 7.33
N ALA A 221 -15.25 12.51 7.09
CA ALA A 221 -16.10 13.44 7.84
C ALA A 221 -17.58 13.13 7.66
N SER A 222 -17.96 12.63 6.48
CA SER A 222 -19.37 12.33 6.20
C SER A 222 -19.81 10.86 6.40
N ASN A 223 -18.92 10.01 6.91
CA ASN A 223 -19.24 8.59 7.19
C ASN A 223 -18.91 8.17 8.64
C10 GHS B . -1.15 -6.10 -6.25
O11 GHS B . -0.65 -6.88 -5.44
C9 GHS B . -1.16 -6.31 -7.74
C8 GHS B . 0.26 -6.59 -8.21
C7 GHS B . 0.91 -5.29 -8.59
C6 GHS B . 1.92 -4.94 -7.55
C5 GHS B . 2.83 -3.87 -8.07
N4 GHS B . 3.67 -4.40 -9.15
C3 GHS B . 4.94 -4.02 -9.34
N2 GHS B . 5.50 -3.14 -8.51
N1 GHS B . 5.66 -4.51 -10.34
CA CA C . 0.42 -12.89 13.62
C1 E4B D . -3.70 1.31 -19.16
C6 E4B D . -3.58 0.76 -17.72
O1 E4B D . -2.53 -0.23 -17.59
C7 E4B D . -3.01 -1.50 -17.79
O2 E4B D . -3.50 -1.88 -18.86
C9 E4B D . -2.85 -2.40 -16.73
C4 E4B D . -3.90 -2.64 -15.85
C2 E4B D . -3.74 -3.56 -14.82
C8 E4B D . -2.52 -4.23 -14.67
O3 E4B D . -2.35 -5.12 -13.66
C3 E4B D . -1.47 -3.99 -15.55
C5 E4B D . -1.63 -3.08 -16.59
#